data_4Z9V
#
_entry.id   4Z9V
#
_cell.length_a   100.357
_cell.length_b   100.357
_cell.length_c   105.045
_cell.angle_alpha   90.00
_cell.angle_beta   90.00
_cell.angle_gamma   90.00
#
_symmetry.space_group_name_H-M   'P 41 21 2'
#
loop_
_entity.id
_entity.type
_entity.pdbx_description
1 polymer 'Bcl-2-like protein 1,APOPTOSIS REGULATOR BCL-XL'
2 polymer 'Translationally-controlled tumor protein'
3 non-polymer 'BICARBONATE ION'
4 non-polymer 'SODIUM ION'
5 water water
#
loop_
_entity_poly.entity_id
_entity_poly.type
_entity_poly.pdbx_seq_one_letter_code
_entity_poly.pdbx_strand_id
1 'polypeptide(L)'
;HMSQSNRELVVDFLSYKLSQKGYSWSQMAAVKQALREAGDEFELRYRRAFSDLTSQLHITPGTAYQSFEQVVNELFRDGV
NWGRIVAFFSFGGALCVESVDKEMQVLVSRIAAWMATYLNDHLEPWIQENGGWDTFVELYGNNAAAESRKGQE
;
A,B
2 'polypeptide(L)' DEMFSDIYKIREIADGLCLEV C,D,E,F,G,H
#
# COMPACT_ATOMS: atom_id res chain seq x y z
N HIS A 1 18.84 15.40 -9.04
CA HIS A 1 18.21 15.54 -10.35
C HIS A 1 16.84 14.85 -10.35
N MET A 2 16.75 13.72 -9.68
CA MET A 2 15.53 12.93 -9.62
C MET A 2 15.06 12.76 -8.18
N SER A 3 13.83 13.18 -7.91
CA SER A 3 13.24 12.98 -6.60
C SER A 3 12.97 11.49 -6.43
N GLN A 4 13.52 10.91 -5.37
CA GLN A 4 13.37 9.49 -5.11
C GLN A 4 11.91 9.10 -4.94
N SER A 5 11.10 10.02 -4.43
CA SER A 5 9.69 9.76 -4.19
C SER A 5 8.94 9.47 -5.48
N ASN A 6 9.37 10.09 -6.57
CA ASN A 6 8.77 9.85 -7.87
C ASN A 6 8.94 8.38 -8.29
N ARG A 7 10.06 7.79 -7.90
CA ARG A 7 10.28 6.36 -8.12
C ARG A 7 9.38 5.54 -7.19
N GLU A 8 9.32 5.94 -5.92
CA GLU A 8 8.59 5.20 -4.90
C GLU A 8 7.07 5.20 -5.14
N LEU A 9 6.54 6.33 -5.60
CA LEU A 9 5.11 6.42 -5.88
C LEU A 9 4.74 5.55 -7.09
N VAL A 10 5.58 5.56 -8.11
CA VAL A 10 5.35 4.75 -9.31
C VAL A 10 5.41 3.25 -8.98
N VAL A 11 6.44 2.85 -8.25
CA VAL A 11 6.61 1.44 -7.88
C VAL A 11 5.44 0.94 -7.01
N ASP A 12 4.97 1.79 -6.11
CA ASP A 12 3.83 1.43 -5.27
C ASP A 12 2.57 1.20 -6.09
N PHE A 13 2.27 2.14 -6.99
CA PHE A 13 1.08 2.06 -7.82
C PHE A 13 1.10 0.83 -8.73
N LEU A 14 2.25 0.58 -9.35
CA LEU A 14 2.39 -0.56 -10.26
C LEU A 14 2.31 -1.89 -9.52
N SER A 15 2.90 -1.94 -8.33
CA SER A 15 2.80 -3.13 -7.48
C SER A 15 1.34 -3.39 -7.13
N TYR A 16 0.65 -2.33 -6.74
CA TYR A 16 -0.76 -2.41 -6.38
C TYR A 16 -1.59 -2.85 -7.57
N LYS A 17 -1.31 -2.28 -8.74
CA LYS A 17 -2.10 -2.55 -9.94
C LYS A 17 -1.90 -3.96 -10.48
N LEU A 18 -0.65 -4.39 -10.60
CA LEU A 18 -0.34 -5.72 -11.13
C LEU A 18 -0.90 -6.83 -10.25
N SER A 19 -0.81 -6.65 -8.93
CA SER A 19 -1.32 -7.62 -7.98
C SER A 19 -2.85 -7.66 -8.05
N GLN A 20 -3.44 -6.48 -8.24
CA GLN A 20 -4.89 -6.35 -8.32
C GLN A 20 -5.45 -7.11 -9.52
N LYS A 21 -4.69 -7.13 -10.61
CA LYS A 21 -5.13 -7.79 -11.84
C LYS A 21 -4.90 -9.30 -11.83
N GLY A 22 -4.28 -9.80 -10.76
CA GLY A 22 -4.15 -11.23 -10.58
C GLY A 22 -2.73 -11.79 -10.61
N TYR A 23 -1.79 -11.01 -11.13
CA TYR A 23 -0.41 -11.47 -11.25
C TYR A 23 0.30 -11.49 -9.90
N SER A 24 1.17 -12.48 -9.70
CA SER A 24 1.91 -12.59 -8.45
C SER A 24 3.24 -13.31 -8.63
N TRP A 25 4.19 -12.95 -7.78
CA TRP A 25 5.47 -13.66 -7.72
C TRP A 25 5.87 -13.90 -6.28
N SER A 26 6.16 -12.81 -5.56
CA SER A 26 6.49 -12.90 -4.14
C SER A 26 5.24 -12.82 -3.29
N GLN A 27 4.19 -12.24 -3.87
CA GLN A 27 2.89 -12.04 -3.22
C GLN A 27 2.94 -11.06 -2.04
N MET A 28 4.02 -10.29 -1.95
CA MET A 28 4.13 -9.27 -0.90
C MET A 28 3.01 -8.26 -1.00
N ALA A 29 2.79 -7.74 -2.21
CA ALA A 29 1.75 -6.75 -2.46
C ALA A 29 0.36 -7.30 -2.15
N ALA A 30 0.11 -8.55 -2.52
CA ALA A 30 -1.18 -9.19 -2.29
C ALA A 30 -1.48 -9.32 -0.80
N VAL A 31 -0.49 -9.75 -0.03
CA VAL A 31 -0.66 -9.96 1.40
C VAL A 31 -0.93 -8.62 2.10
N LYS A 32 -0.18 -7.59 1.74
CA LYS A 32 -0.38 -6.27 2.32
C LYS A 32 -1.79 -5.74 2.07
N GLN A 33 -2.24 -5.83 0.82
CA GLN A 33 -3.56 -5.34 0.45
C GLN A 33 -4.66 -6.15 1.13
N ALA A 34 -4.46 -7.46 1.23
CA ALA A 34 -5.43 -8.34 1.87
C ALA A 34 -5.54 -8.03 3.36
N LEU A 35 -4.41 -7.68 3.97
CA LEU A 35 -4.40 -7.31 5.38
C LEU A 35 -5.10 -5.97 5.59
N ARG A 36 -4.87 -5.03 4.68
CA ARG A 36 -5.53 -3.73 4.73
C ARG A 36 -7.05 -3.90 4.66
N GLU A 37 -7.50 -4.70 3.71
CA GLU A 37 -8.93 -4.96 3.51
C GLU A 37 -9.53 -5.72 4.68
N ALA A 38 -8.82 -6.73 5.17
CA ALA A 38 -9.31 -7.56 6.25
C ALA A 38 -9.43 -6.77 7.56
N GLY A 39 -8.43 -5.91 7.81
CA GLY A 39 -8.45 -5.05 8.97
C GLY A 39 -9.66 -4.14 8.96
N ASP A 40 -9.91 -3.51 7.81
CA ASP A 40 -11.08 -2.64 7.66
C ASP A 40 -12.38 -3.40 7.91
N GLU A 41 -12.45 -4.63 7.41
CA GLU A 41 -13.66 -5.44 7.56
C GLU A 41 -13.86 -5.88 9.01
N PHE A 42 -12.77 -6.23 9.68
CA PHE A 42 -12.83 -6.59 11.09
C PHE A 42 -13.35 -5.42 11.92
N GLU A 43 -12.77 -4.24 11.69
CA GLU A 43 -13.13 -3.04 12.44
C GLU A 43 -14.55 -2.61 12.12
N LEU A 44 -14.99 -2.84 10.90
CA LEU A 44 -16.36 -2.53 10.50
C LEU A 44 -17.33 -3.44 11.28
N ARG A 45 -17.01 -4.72 11.36
CA ARG A 45 -17.86 -5.68 12.06
C ARG A 45 -17.85 -5.43 13.57
N TYR A 46 -16.67 -5.13 14.12
CA TYR A 46 -16.53 -4.85 15.54
C TYR A 46 -17.32 -3.60 15.93
N ARG A 47 -17.17 -2.55 15.12
CA ARG A 47 -17.82 -1.27 15.40
C ARG A 47 -19.34 -1.34 15.22
N ARG A 48 -19.80 -2.25 14.36
CA ARG A 48 -21.23 -2.40 14.13
C ARG A 48 -21.84 -3.43 15.07
N ALA A 49 -21.02 -4.00 15.94
CA ALA A 49 -21.50 -4.95 16.94
C ALA A 49 -21.33 -4.34 18.35
N PHE A 50 -20.27 -3.55 18.51
CA PHE A 50 -20.00 -2.87 19.77
C PHE A 50 -19.65 -1.42 19.48
N SER A 51 -18.83 -0.81 20.33
CA SER A 51 -18.36 0.54 20.05
C SER A 51 -17.08 0.42 19.23
N ASP A 52 -16.47 1.55 18.88
CA ASP A 52 -15.24 1.54 18.11
C ASP A 52 -14.14 0.82 18.90
N LEU A 53 -13.17 0.26 18.20
CA LEU A 53 -12.10 -0.49 18.84
C LEU A 53 -11.23 0.40 19.73
N THR A 54 -10.95 1.61 19.25
CA THR A 54 -10.10 2.55 19.99
C THR A 54 -10.82 3.24 21.14
N SER A 55 -12.11 2.97 21.30
CA SER A 55 -12.93 3.64 22.31
C SER A 55 -12.42 3.41 23.74
N GLN A 56 -12.20 2.15 24.10
CA GLN A 56 -11.63 1.83 25.40
C GLN A 56 -10.25 1.22 25.21
N LEU A 57 -9.22 2.05 25.37
CA LEU A 57 -7.84 1.61 25.33
C LEU A 57 -7.03 2.48 26.29
N HIS A 58 -6.53 1.87 27.36
CA HIS A 58 -5.75 2.60 28.35
C HIS A 58 -4.28 2.26 28.24
N ILE A 59 -3.44 3.27 28.03
CA ILE A 59 -2.02 3.03 27.82
C ILE A 59 -1.13 4.05 28.54
N THR A 60 -0.05 3.56 29.13
CA THR A 60 0.98 4.39 29.72
C THR A 60 2.33 3.86 29.25
N PRO A 61 3.38 4.70 29.26
CA PRO A 61 4.69 4.23 28.82
C PRO A 61 5.23 3.05 29.62
N GLY A 62 4.96 3.04 30.93
CA GLY A 62 5.50 2.02 31.80
C GLY A 62 4.83 0.67 31.72
N THR A 63 3.59 0.64 31.22
CA THR A 63 2.82 -0.59 31.17
C THR A 63 2.37 -0.96 29.76
N ALA A 64 2.85 -0.22 28.77
CA ALA A 64 2.42 -0.41 27.38
C ALA A 64 2.67 -1.84 26.88
N TYR A 65 3.91 -2.32 27.03
CA TYR A 65 4.27 -3.64 26.54
C TYR A 65 3.53 -4.71 27.33
N GLN A 66 3.51 -4.55 28.65
CA GLN A 66 2.83 -5.48 29.54
C GLN A 66 1.37 -5.67 29.16
N SER A 67 0.69 -4.56 28.89
CA SER A 67 -0.72 -4.59 28.50
C SER A 67 -0.88 -5.24 27.14
N PHE A 68 0.01 -4.90 26.21
CA PHE A 68 -0.01 -5.46 24.87
C PHE A 68 0.10 -6.98 24.91
N GLU A 69 1.05 -7.47 25.71
CA GLU A 69 1.31 -8.90 25.81
C GLU A 69 0.12 -9.65 26.40
N GLN A 70 -0.51 -9.07 27.41
CA GLN A 70 -1.67 -9.69 28.05
C GLN A 70 -2.85 -9.84 27.08
N VAL A 71 -3.16 -8.78 26.35
CA VAL A 71 -4.27 -8.81 25.41
C VAL A 71 -4.02 -9.84 24.30
N VAL A 72 -2.84 -9.79 23.71
CA VAL A 72 -2.50 -10.71 22.63
C VAL A 72 -2.47 -12.16 23.10
N ASN A 73 -2.00 -12.39 24.32
CA ASN A 73 -1.96 -13.75 24.87
C ASN A 73 -3.37 -14.31 25.10
N GLU A 74 -4.30 -13.45 25.51
CA GLU A 74 -5.67 -13.87 25.72
C GLU A 74 -6.38 -14.08 24.39
N LEU A 75 -5.97 -13.32 23.37
CA LEU A 75 -6.53 -13.45 22.03
C LEU A 75 -6.24 -14.83 21.44
N PHE A 76 -4.99 -15.27 21.56
CA PHE A 76 -4.56 -16.56 21.04
C PHE A 76 -4.46 -17.61 22.14
N ARG A 77 -5.14 -17.36 23.26
CA ARG A 77 -5.09 -18.21 24.44
C ARG A 77 -5.32 -19.69 24.13
N ASP A 78 -6.35 -19.98 23.35
CA ASP A 78 -6.68 -21.36 23.02
C ASP A 78 -6.50 -21.67 21.53
N GLY A 79 -5.73 -20.83 20.83
CA GLY A 79 -5.42 -21.12 19.45
C GLY A 79 -5.34 -19.96 18.48
N VAL A 80 -4.85 -20.26 17.29
CA VAL A 80 -4.69 -19.27 16.23
C VAL A 80 -5.58 -19.59 15.03
N ASN A 81 -6.21 -18.57 14.47
CA ASN A 81 -6.90 -18.70 13.19
C ASN A 81 -6.72 -17.41 12.41
N TRP A 82 -7.07 -17.40 11.13
CA TRP A 82 -6.84 -16.25 10.29
C TRP A 82 -7.58 -15.01 10.79
N GLY A 83 -8.76 -15.21 11.35
CA GLY A 83 -9.55 -14.12 11.89
C GLY A 83 -8.88 -13.45 13.08
N ARG A 84 -8.28 -14.25 13.94
CA ARG A 84 -7.60 -13.72 15.13
C ARG A 84 -6.31 -13.01 14.73
N ILE A 85 -5.68 -13.47 13.66
CA ILE A 85 -4.48 -12.83 13.15
C ILE A 85 -4.83 -11.44 12.62
N VAL A 86 -5.96 -11.34 11.94
CA VAL A 86 -6.46 -10.05 11.46
C VAL A 86 -6.77 -9.15 12.65
N ALA A 87 -7.43 -9.70 13.66
CA ALA A 87 -7.75 -8.97 14.89
C ALA A 87 -6.49 -8.44 15.56
N PHE A 88 -5.42 -9.23 15.50
CA PHE A 88 -4.13 -8.88 16.05
C PHE A 88 -3.60 -7.58 15.42
N PHE A 89 -3.63 -7.50 14.11
CA PHE A 89 -3.21 -6.30 13.39
C PHE A 89 -4.11 -5.10 13.74
N SER A 90 -5.42 -5.31 13.74
CA SER A 90 -6.36 -4.25 14.06
C SER A 90 -6.16 -3.68 15.46
N PHE A 91 -5.89 -4.57 16.42
CA PHE A 91 -5.66 -4.15 17.80
C PHE A 91 -4.40 -3.30 17.91
N GLY A 92 -3.35 -3.70 17.20
CA GLY A 92 -2.10 -2.95 17.21
C GLY A 92 -2.30 -1.56 16.63
N GLY A 93 -3.05 -1.48 15.54
CA GLY A 93 -3.37 -0.21 14.92
C GLY A 93 -4.16 0.67 15.85
N ALA A 94 -5.11 0.06 16.56
CA ALA A 94 -5.94 0.78 17.53
C ALA A 94 -5.07 1.30 18.67
N LEU A 95 -4.11 0.49 19.07
CA LEU A 95 -3.18 0.85 20.13
C LEU A 95 -2.31 2.05 19.72
N CYS A 96 -1.91 2.08 18.46
CA CYS A 96 -1.12 3.19 17.94
C CYS A 96 -1.92 4.49 17.88
N VAL A 97 -3.17 4.40 17.44
CA VAL A 97 -4.02 5.58 17.36
C VAL A 97 -4.23 6.20 18.74
N GLU A 98 -4.45 5.35 19.73
CA GLU A 98 -4.64 5.82 21.10
C GLU A 98 -3.35 6.43 21.65
N SER A 99 -2.22 5.86 21.27
CA SER A 99 -0.92 6.37 21.69
C SER A 99 -0.67 7.77 21.16
N VAL A 100 -1.00 7.98 19.89
CA VAL A 100 -0.83 9.29 19.27
C VAL A 100 -1.81 10.29 19.88
N ASP A 101 -3.04 9.82 20.09
CA ASP A 101 -4.09 10.66 20.66
C ASP A 101 -3.73 11.12 22.07
N LYS A 102 -3.00 10.29 22.80
CA LYS A 102 -2.59 10.64 24.16
C LYS A 102 -1.20 11.26 24.20
N GLU A 103 -0.74 11.74 23.05
CA GLU A 103 0.56 12.40 22.91
C GLU A 103 1.72 11.50 23.36
N MET A 104 1.62 10.22 23.03
CA MET A 104 2.69 9.26 23.28
C MET A 104 3.10 8.66 21.95
N GLN A 105 3.33 9.53 20.96
CA GLN A 105 3.66 9.13 19.60
C GLN A 105 4.89 8.24 19.51
N VAL A 106 5.81 8.41 20.46
CA VAL A 106 7.06 7.65 20.44
C VAL A 106 6.83 6.15 20.62
N LEU A 107 5.66 5.78 21.11
CA LEU A 107 5.32 4.38 21.34
C LEU A 107 4.94 3.63 20.07
N VAL A 108 4.71 4.38 19.00
CA VAL A 108 4.26 3.78 17.74
C VAL A 108 5.25 2.75 17.21
N SER A 109 6.52 3.13 17.11
CA SER A 109 7.54 2.22 16.63
C SER A 109 7.78 1.06 17.61
N ARG A 110 7.49 1.29 18.89
CA ARG A 110 7.62 0.23 19.89
C ARG A 110 6.54 -0.83 19.68
N ILE A 111 5.30 -0.38 19.55
CA ILE A 111 4.17 -1.27 19.28
C ILE A 111 4.43 -2.06 18.00
N ALA A 112 4.98 -1.38 17.00
CA ALA A 112 5.33 -2.03 15.73
C ALA A 112 6.32 -3.17 15.95
N ALA A 113 7.30 -2.94 16.83
CA ALA A 113 8.30 -3.95 17.14
C ALA A 113 7.71 -5.14 17.87
N TRP A 114 6.86 -4.87 18.86
CA TRP A 114 6.22 -5.93 19.63
C TRP A 114 5.36 -6.81 18.74
N MET A 115 4.63 -6.18 17.83
CA MET A 115 3.79 -6.91 16.88
C MET A 115 4.63 -7.82 16.00
N ALA A 116 5.67 -7.27 15.40
CA ALA A 116 6.56 -8.02 14.51
C ALA A 116 7.19 -9.19 15.26
N THR A 117 7.54 -8.97 16.51
CA THR A 117 8.16 -10.00 17.34
C THR A 117 7.18 -11.13 17.63
N TYR A 118 5.97 -10.79 18.03
CA TYR A 118 4.96 -11.82 18.33
C TYR A 118 4.55 -12.55 17.05
N LEU A 119 4.40 -11.79 15.97
CA LEU A 119 4.06 -12.36 14.67
C LEU A 119 5.12 -13.38 14.26
N ASN A 120 6.38 -13.02 14.48
CA ASN A 120 7.50 -13.87 14.12
C ASN A 120 7.64 -15.11 14.99
N ASP A 121 7.48 -14.94 16.30
CA ASP A 121 7.73 -16.03 17.24
C ASP A 121 6.52 -16.93 17.49
N HIS A 122 5.33 -16.37 17.50
CA HIS A 122 4.16 -17.16 17.91
C HIS A 122 3.10 -17.35 16.82
N LEU A 123 3.15 -16.57 15.75
CA LEU A 123 2.14 -16.67 14.70
C LEU A 123 2.70 -17.33 13.44
N GLU A 124 3.95 -17.02 13.12
CA GLU A 124 4.60 -17.57 11.93
C GLU A 124 4.62 -19.11 11.87
N PRO A 125 4.91 -19.80 12.99
CA PRO A 125 4.87 -21.26 12.88
C PRO A 125 3.50 -21.81 12.50
N TRP A 126 2.44 -21.23 13.06
CA TRP A 126 1.08 -21.67 12.74
C TRP A 126 0.77 -21.38 11.27
N ILE A 127 1.15 -20.20 10.82
CA ILE A 127 0.91 -19.78 9.45
C ILE A 127 1.56 -20.74 8.46
N GLN A 128 2.81 -21.12 8.75
CA GLN A 128 3.56 -22.03 7.89
C GLN A 128 2.90 -23.40 7.79
N GLU A 129 2.30 -23.86 8.89
CA GLU A 129 1.68 -25.18 8.91
C GLU A 129 0.24 -25.15 8.42
N ASN A 130 -0.24 -23.96 8.08
CA ASN A 130 -1.61 -23.81 7.61
C ASN A 130 -1.69 -23.18 6.21
N GLY A 131 -0.69 -23.46 5.40
CA GLY A 131 -0.71 -23.03 4.01
C GLY A 131 0.04 -21.74 3.70
N GLY A 132 0.64 -21.14 4.73
CA GLY A 132 1.38 -19.91 4.56
C GLY A 132 0.50 -18.72 4.22
N TRP A 133 1.13 -17.58 3.94
CA TRP A 133 0.40 -16.37 3.58
C TRP A 133 -0.36 -16.54 2.27
N ASP A 134 0.10 -17.48 1.45
CA ASP A 134 -0.56 -17.81 0.19
C ASP A 134 -2.03 -18.19 0.42
N THR A 135 -2.28 -18.96 1.47
CA THR A 135 -3.64 -19.37 1.81
C THR A 135 -4.48 -18.19 2.27
N PHE A 136 -3.87 -17.28 3.03
CA PHE A 136 -4.56 -16.09 3.51
C PHE A 136 -5.03 -15.22 2.34
N VAL A 137 -4.17 -15.08 1.33
CA VAL A 137 -4.52 -14.31 0.15
C VAL A 137 -5.67 -14.96 -0.61
N GLU A 138 -5.61 -16.28 -0.76
CA GLU A 138 -6.65 -17.02 -1.47
C GLU A 138 -8.00 -16.90 -0.76
N LEU A 139 -7.98 -16.88 0.56
CA LEU A 139 -9.20 -16.81 1.35
C LEU A 139 -9.74 -15.39 1.54
N TYR A 140 -8.84 -14.42 1.71
CA TYR A 140 -9.26 -13.06 2.06
C TYR A 140 -8.98 -12.02 0.99
N GLY A 141 -8.22 -12.39 -0.03
CA GLY A 141 -7.92 -11.47 -1.12
C GLY A 141 -9.17 -11.05 -1.86
N ASN A 142 -9.08 -9.91 -2.55
CA ASN A 142 -10.21 -9.33 -3.27
C ASN A 142 -11.40 -9.06 -2.36
N ASN A 143 -11.11 -8.63 -1.13
CA ASN A 143 -12.13 -8.24 -0.15
C ASN A 143 -13.18 -9.33 0.05
N ALA A 144 -12.73 -10.58 0.14
CA ALA A 144 -13.62 -11.73 0.22
C ALA A 144 -14.49 -11.73 1.49
N ALA A 145 -13.94 -11.27 2.60
CA ALA A 145 -14.70 -11.23 3.85
C ALA A 145 -15.87 -10.27 3.74
N ALA A 146 -15.62 -9.09 3.17
CA ALA A 146 -16.66 -8.09 2.97
C ALA A 146 -17.73 -8.59 2.00
N GLU A 147 -17.29 -9.24 0.93
CA GLU A 147 -18.20 -9.80 -0.06
C GLU A 147 -19.10 -10.85 0.57
N SER A 148 -18.51 -11.67 1.43
CA SER A 148 -19.26 -12.69 2.15
C SER A 148 -20.32 -12.06 3.05
N ARG A 149 -19.95 -11.01 3.76
CA ARG A 149 -20.85 -10.38 4.73
C ARG A 149 -22.19 -10.00 4.13
N LYS A 150 -22.17 -9.39 2.95
CA LYS A 150 -23.41 -8.84 2.44
C LYS A 150 -23.83 -9.44 1.11
N GLY A 151 -23.23 -10.60 0.82
CA GLY A 151 -23.92 -11.57 0.00
C GLY A 151 -24.98 -12.13 0.93
N GLN A 152 -24.94 -11.72 2.22
CA GLN A 152 -25.83 -12.25 3.26
C GLN A 152 -26.91 -11.32 3.83
N GLU A 153 -26.75 -9.98 3.80
CA GLU A 153 -27.84 -9.15 4.34
C GLU A 153 -28.98 -9.18 3.32
N MET B 2 14.52 -13.90 13.07
CA MET B 2 13.53 -12.86 12.76
C MET B 2 13.41 -12.67 11.26
N SER B 3 12.16 -12.57 10.79
CA SER B 3 11.89 -12.29 9.39
C SER B 3 11.59 -10.81 9.21
N GLN B 4 12.30 -10.17 8.29
CA GLN B 4 12.08 -8.74 8.03
C GLN B 4 10.73 -8.52 7.38
N SER B 5 10.18 -9.55 6.77
CA SER B 5 8.85 -9.47 6.16
C SER B 5 7.80 -9.20 7.24
N ASN B 6 8.00 -9.80 8.41
CA ASN B 6 7.12 -9.57 9.54
C ASN B 6 7.16 -8.11 9.97
N ARG B 7 8.34 -7.50 9.91
CA ARG B 7 8.48 -6.08 10.19
C ARG B 7 7.80 -5.27 9.10
N GLU B 8 8.03 -5.66 7.84
CA GLU B 8 7.49 -4.93 6.71
C GLU B 8 5.96 -4.98 6.66
N LEU B 9 5.40 -6.15 6.99
CA LEU B 9 3.95 -6.30 7.01
C LEU B 9 3.32 -5.40 8.07
N VAL B 10 3.91 -5.36 9.25
CA VAL B 10 3.39 -4.57 10.36
C VAL B 10 3.47 -3.07 10.05
N VAL B 11 4.63 -2.63 9.60
CA VAL B 11 4.86 -1.22 9.27
C VAL B 11 3.88 -0.73 8.21
N ASP B 12 3.63 -1.56 7.19
CA ASP B 12 2.69 -1.20 6.14
C ASP B 12 1.28 -1.03 6.70
N PHE B 13 0.84 -1.98 7.52
CA PHE B 13 -0.50 -1.94 8.09
C PHE B 13 -0.70 -0.72 8.99
N LEU B 14 0.28 -0.46 9.85
CA LEU B 14 0.20 0.67 10.78
C LEU B 14 0.22 2.01 10.03
N SER B 15 1.03 2.09 8.99
CA SER B 15 1.08 3.30 8.15
C SER B 15 -0.28 3.53 7.51
N TYR B 16 -0.85 2.47 6.97
CA TYR B 16 -2.17 2.51 6.36
C TYR B 16 -3.22 2.96 7.35
N LYS B 17 -3.18 2.38 8.55
CA LYS B 17 -4.21 2.63 9.56
C LYS B 17 -4.14 4.04 10.12
N LEU B 18 -2.95 4.47 10.52
CA LEU B 18 -2.78 5.81 11.10
C LEU B 18 -3.17 6.90 10.10
N SER B 19 -2.75 6.73 8.85
CA SER B 19 -3.07 7.69 7.80
C SER B 19 -4.57 7.70 7.52
N GLN B 20 -5.17 6.51 7.52
CA GLN B 20 -6.61 6.37 7.29
C GLN B 20 -7.42 7.08 8.37
N LYS B 21 -6.93 7.04 9.61
CA LYS B 21 -7.67 7.64 10.71
C LYS B 21 -7.45 9.15 10.80
N GLY B 22 -6.65 9.69 9.90
CA GLY B 22 -6.48 11.13 9.81
C GLY B 22 -5.11 11.70 10.13
N TYR B 23 -4.28 10.93 10.81
CA TYR B 23 -2.95 11.41 11.21
C TYR B 23 -2.00 11.46 10.01
N SER B 24 -1.13 12.47 10.01
CA SER B 24 -0.17 12.64 8.93
C SER B 24 1.08 13.38 9.38
N TRP B 25 2.19 13.08 8.71
CA TRP B 25 3.43 13.82 8.92
C TRP B 25 4.12 14.04 7.58
N SER B 26 4.60 12.96 6.98
CA SER B 26 5.22 13.04 5.67
C SER B 26 4.17 12.96 4.58
N GLN B 27 3.03 12.35 4.93
CA GLN B 27 1.90 12.12 4.02
C GLN B 27 2.23 11.17 2.89
N MET B 28 3.31 10.41 3.04
CA MET B 28 3.69 9.41 2.04
C MET B 28 2.60 8.35 1.90
N ALA B 29 2.10 7.85 3.02
CA ALA B 29 1.05 6.84 3.02
C ALA B 29 -0.25 7.40 2.43
N ALA B 30 -0.56 8.64 2.76
CA ALA B 30 -1.78 9.30 2.28
C ALA B 30 -1.78 9.43 0.75
N VAL B 31 -0.64 9.85 0.19
CA VAL B 31 -0.52 10.02 -1.25
C VAL B 31 -0.62 8.68 -1.98
N LYS B 32 0.10 7.68 -1.48
CA LYS B 32 0.05 6.34 -2.06
C LYS B 32 -1.37 5.79 -2.10
N GLN B 33 -2.08 5.88 -0.97
CA GLN B 33 -3.44 5.37 -0.89
C GLN B 33 -4.39 6.14 -1.81
N ALA B 34 -4.21 7.46 -1.86
CA ALA B 34 -5.04 8.30 -2.73
C ALA B 34 -4.84 7.94 -4.21
N LEU B 35 -3.60 7.66 -4.59
CA LEU B 35 -3.30 7.26 -5.96
C LEU B 35 -3.94 5.91 -6.30
N ARG B 36 -3.87 4.96 -5.37
CA ARG B 36 -4.50 3.66 -5.55
C ARG B 36 -5.99 3.83 -5.80
N GLU B 37 -6.62 4.69 -5.01
CA GLU B 37 -8.07 4.92 -5.11
C GLU B 37 -8.44 5.70 -6.38
N ALA B 38 -7.69 6.74 -6.68
CA ALA B 38 -7.96 7.55 -7.87
C ALA B 38 -7.76 6.73 -9.13
N GLY B 39 -6.73 5.89 -9.14
CA GLY B 39 -6.48 5.00 -10.25
C GLY B 39 -7.63 4.05 -10.51
N ASP B 40 -8.14 3.45 -9.43
CA ASP B 40 -9.28 2.54 -9.54
C ASP B 40 -10.51 3.26 -10.09
N GLU B 41 -10.75 4.47 -9.60
CA GLU B 41 -11.92 5.23 -10.02
C GLU B 41 -11.85 5.64 -11.49
N PHE B 42 -10.67 6.06 -11.93
CA PHE B 42 -10.47 6.43 -13.33
C PHE B 42 -10.73 5.24 -14.25
N GLU B 43 -10.17 4.10 -13.89
CA GLU B 43 -10.28 2.89 -14.71
C GLU B 43 -11.72 2.38 -14.75
N LEU B 44 -12.45 2.58 -13.66
CA LEU B 44 -13.85 2.21 -13.60
C LEU B 44 -14.65 3.04 -14.60
N ARG B 45 -14.47 4.36 -14.54
CA ARG B 45 -15.19 5.28 -15.41
C ARG B 45 -14.86 5.04 -16.88
N TYR B 46 -13.60 4.75 -17.16
CA TYR B 46 -13.17 4.50 -18.53
C TYR B 46 -13.77 3.20 -19.06
N ARG B 47 -13.80 2.17 -18.21
CA ARG B 47 -14.29 0.86 -18.59
C ARG B 47 -15.79 0.86 -18.86
N ARG B 48 -16.50 1.80 -18.23
CA ARG B 48 -17.95 1.91 -18.45
C ARG B 48 -18.23 2.74 -19.70
N ALA B 49 -17.43 3.77 -19.90
CA ALA B 49 -17.58 4.67 -21.04
C ALA B 49 -17.21 3.97 -22.35
N PHE B 50 -16.09 3.25 -22.33
CA PHE B 50 -15.61 2.54 -23.50
C PHE B 50 -15.25 1.11 -23.12
N SER B 51 -14.26 0.54 -23.79
CA SER B 51 -13.77 -0.77 -23.40
C SER B 51 -12.75 -0.60 -22.28
N ASP B 52 -12.19 -1.71 -21.79
CA ASP B 52 -11.15 -1.63 -20.78
C ASP B 52 -9.90 -1.01 -21.40
N LEU B 53 -9.04 -0.44 -20.56
CA LEU B 53 -7.86 0.28 -21.03
C LEU B 53 -6.84 -0.61 -21.74
N THR B 54 -6.49 -1.73 -21.11
CA THR B 54 -5.44 -2.61 -21.62
C THR B 54 -5.85 -3.41 -22.85
N SER B 55 -7.14 -3.32 -23.22
CA SER B 55 -7.67 -4.13 -24.33
C SER B 55 -7.08 -3.78 -25.69
N GLN B 56 -6.74 -2.52 -25.89
CA GLN B 56 -6.33 -2.04 -27.21
C GLN B 56 -4.84 -1.69 -27.30
N LEU B 57 -4.11 -1.89 -26.21
CA LEU B 57 -2.67 -1.62 -26.22
C LEU B 57 -1.93 -2.67 -27.04
N HIS B 58 -0.76 -2.30 -27.55
CA HIS B 58 0.06 -3.22 -28.35
C HIS B 58 1.50 -2.74 -28.42
N ILE B 59 2.42 -3.55 -27.90
CA ILE B 59 3.84 -3.17 -27.89
C ILE B 59 4.81 -4.34 -27.98
N THR B 60 6.06 -4.00 -28.31
CA THR B 60 7.17 -4.94 -28.33
C THR B 60 8.31 -4.28 -27.55
N PRO B 61 9.34 -5.04 -27.17
CA PRO B 61 10.44 -4.41 -26.41
C PRO B 61 11.07 -3.24 -27.16
N GLY B 62 11.18 -3.34 -28.48
CA GLY B 62 11.78 -2.30 -29.29
C GLY B 62 10.84 -1.14 -29.56
N THR B 63 9.54 -1.40 -29.53
CA THR B 63 8.54 -0.38 -29.82
C THR B 63 7.79 0.06 -28.56
N ALA B 64 8.28 -0.34 -27.40
CA ALA B 64 7.62 -0.03 -26.14
C ALA B 64 7.74 1.44 -25.78
N TYR B 65 8.92 2.01 -25.94
CA TYR B 65 9.18 3.37 -25.46
C TYR B 65 8.43 4.45 -26.22
N GLN B 66 8.44 4.38 -27.55
CA GLN B 66 7.76 5.38 -28.35
C GLN B 66 6.27 5.37 -28.04
N SER B 67 5.69 4.17 -28.00
CA SER B 67 4.27 4.00 -27.70
C SER B 67 3.92 4.57 -26.33
N PHE B 68 4.93 4.73 -25.47
CA PHE B 68 4.73 5.34 -24.16
C PHE B 68 4.73 6.86 -24.27
N GLU B 69 5.86 7.42 -24.69
CA GLU B 69 6.01 8.86 -24.83
C GLU B 69 4.96 9.44 -25.78
N GLN B 70 4.54 8.65 -26.77
CA GLN B 70 3.58 9.10 -27.75
C GLN B 70 2.26 9.43 -27.06
N VAL B 71 1.77 8.46 -26.29
CA VAL B 71 0.50 8.60 -25.59
C VAL B 71 0.58 9.68 -24.51
N VAL B 72 1.66 9.64 -23.73
CA VAL B 72 1.82 10.54 -22.59
C VAL B 72 1.88 12.02 -23.00
N ASN B 73 2.68 12.34 -24.01
CA ASN B 73 2.79 13.72 -24.47
C ASN B 73 1.51 14.21 -25.12
N GLU B 74 0.72 13.26 -25.63
CA GLU B 74 -0.58 13.54 -26.22
C GLU B 74 -1.57 13.87 -25.11
N LEU B 75 -1.37 13.24 -23.96
CA LEU B 75 -2.24 13.40 -22.81
C LEU B 75 -2.07 14.77 -22.15
N PHE B 76 -0.86 15.31 -22.22
CA PHE B 76 -0.56 16.55 -21.51
C PHE B 76 -0.25 17.74 -22.41
N ARG B 77 -0.60 17.69 -23.69
CA ARG B 77 -0.27 18.80 -24.57
C ARG B 77 -1.11 20.04 -24.26
N ASP B 78 -2.38 19.83 -23.94
CA ASP B 78 -3.27 20.94 -23.59
C ASP B 78 -2.90 21.54 -22.24
N GLY B 79 -2.19 20.78 -21.43
CA GLY B 79 -1.80 21.23 -20.10
C GLY B 79 -1.91 20.11 -19.09
N VAL B 80 -1.78 20.47 -17.81
CA VAL B 80 -1.79 19.48 -16.75
C VAL B 80 -2.86 19.76 -15.71
N ASN B 81 -3.57 18.70 -15.29
CA ASN B 81 -4.47 18.76 -14.14
C ASN B 81 -4.37 17.44 -13.37
N TRP B 82 -5.01 17.37 -12.21
CA TRP B 82 -4.91 16.18 -11.37
C TRP B 82 -5.51 14.94 -12.02
N GLY B 83 -6.65 15.11 -12.71
CA GLY B 83 -7.30 14.01 -13.38
C GLY B 83 -6.38 13.33 -14.39
N ARG B 84 -5.67 14.14 -15.16
CA ARG B 84 -4.76 13.62 -16.19
C ARG B 84 -3.56 12.92 -15.56
N ILE B 85 -3.11 13.44 -14.42
CA ILE B 85 -1.99 12.83 -13.70
C ILE B 85 -2.39 11.44 -13.22
N VAL B 86 -3.61 11.31 -12.74
CA VAL B 86 -4.16 10.03 -12.33
C VAL B 86 -4.23 9.09 -13.55
N ALA B 87 -4.70 9.62 -14.67
CA ALA B 87 -4.80 8.85 -15.90
C ALA B 87 -3.42 8.39 -16.37
N PHE B 88 -2.41 9.22 -16.11
CA PHE B 88 -1.02 8.90 -16.43
C PHE B 88 -0.57 7.65 -15.68
N PHE B 89 -0.92 7.56 -14.41
CA PHE B 89 -0.57 6.39 -13.61
C PHE B 89 -1.30 5.13 -14.10
N SER B 90 -2.60 5.28 -14.39
CA SER B 90 -3.41 4.15 -14.84
C SER B 90 -2.94 3.61 -16.19
N PHE B 91 -2.55 4.51 -17.09
CA PHE B 91 -2.06 4.10 -18.40
C PHE B 91 -0.76 3.29 -18.24
N GLY B 92 0.12 3.78 -17.37
CA GLY B 92 1.37 3.09 -17.08
C GLY B 92 1.10 1.70 -16.53
N GLY B 93 0.11 1.61 -15.65
CA GLY B 93 -0.29 0.32 -15.10
C GLY B 93 -0.83 -0.59 -16.19
N ALA B 94 -1.65 -0.02 -17.08
CA ALA B 94 -2.23 -0.77 -18.17
C ALA B 94 -1.14 -1.31 -19.09
N LEU B 95 -0.12 -0.50 -19.30
CA LEU B 95 1.00 -0.87 -20.16
C LEU B 95 1.77 -2.05 -19.56
N CYS B 96 1.88 -2.07 -18.24
CA CYS B 96 2.57 -3.16 -17.54
C CYS B 96 1.76 -4.45 -17.58
N VAL B 97 0.45 -4.32 -17.42
CA VAL B 97 -0.44 -5.49 -17.48
C VAL B 97 -0.35 -6.15 -18.85
N GLU B 98 -0.37 -5.33 -19.89
CA GLU B 98 -0.24 -5.84 -21.25
C GLU B 98 1.10 -6.52 -21.46
N SER B 99 2.15 -5.94 -20.90
CA SER B 99 3.50 -6.49 -21.04
C SER B 99 3.61 -7.87 -20.40
N VAL B 100 3.09 -7.99 -19.18
CA VAL B 100 3.11 -9.26 -18.47
C VAL B 100 2.25 -10.30 -19.18
N ASP B 101 1.08 -9.87 -19.65
CA ASP B 101 0.17 -10.75 -20.36
C ASP B 101 0.81 -11.31 -21.61
N LYS B 102 1.69 -10.52 -22.24
CA LYS B 102 2.38 -10.94 -23.44
C LYS B 102 3.78 -11.49 -23.12
N GLU B 103 4.00 -11.76 -21.84
CA GLU B 103 5.25 -12.34 -21.36
C GLU B 103 6.48 -11.51 -21.75
N MET B 104 6.34 -10.20 -21.61
CA MET B 104 7.46 -9.29 -21.80
C MET B 104 7.71 -8.57 -20.48
N GLN B 105 7.85 -9.36 -19.42
CA GLN B 105 7.98 -8.84 -18.05
C GLN B 105 9.20 -7.94 -17.86
N VAL B 106 10.17 -8.09 -18.75
CA VAL B 106 11.38 -7.27 -18.70
C VAL B 106 11.05 -5.79 -18.91
N LEU B 107 9.91 -5.52 -19.54
CA LEU B 107 9.49 -4.15 -19.83
C LEU B 107 8.92 -3.43 -18.61
N VAL B 108 8.49 -4.20 -17.61
CA VAL B 108 7.82 -3.63 -16.44
C VAL B 108 8.69 -2.61 -15.69
N SER B 109 9.93 -2.99 -15.38
CA SER B 109 10.82 -2.07 -14.66
C SER B 109 11.24 -0.91 -15.55
N ARG B 110 11.21 -1.11 -16.86
CA ARG B 110 11.55 -0.05 -17.80
C ARG B 110 10.43 0.98 -17.88
N ILE B 111 9.19 0.49 -17.99
CA ILE B 111 8.01 1.35 -17.98
C ILE B 111 7.98 2.16 -16.69
N ALA B 112 8.29 1.49 -15.57
CA ALA B 112 8.34 2.14 -14.27
C ALA B 112 9.36 3.28 -14.28
N ALA B 113 10.52 3.04 -14.88
CA ALA B 113 11.56 4.06 -14.96
C ALA B 113 11.11 5.23 -15.83
N TRP B 114 10.43 4.92 -16.94
CA TRP B 114 9.93 5.95 -17.84
C TRP B 114 8.91 6.84 -17.14
N MET B 115 8.01 6.21 -16.39
CA MET B 115 6.99 6.94 -15.64
C MET B 115 7.65 7.87 -14.62
N ALA B 116 8.57 7.34 -13.83
CA ALA B 116 9.25 8.12 -12.81
C ALA B 116 9.98 9.31 -13.44
N THR B 117 10.62 9.07 -14.58
CA THR B 117 11.35 10.12 -15.28
C THR B 117 10.42 11.21 -15.80
N TYR B 118 9.30 10.82 -16.41
CA TYR B 118 8.35 11.79 -16.92
C TYR B 118 7.69 12.55 -15.78
N LEU B 119 7.32 11.81 -14.74
CA LEU B 119 6.73 12.40 -13.54
C LEU B 119 7.68 13.44 -12.95
N ASN B 120 8.95 13.08 -12.86
CA ASN B 120 9.96 13.95 -12.30
C ASN B 120 10.28 15.17 -13.16
N ASP B 121 10.41 14.96 -14.46
CA ASP B 121 10.82 16.02 -15.38
C ASP B 121 9.70 16.94 -15.82
N HIS B 122 8.51 16.38 -16.03
CA HIS B 122 7.43 17.14 -16.66
C HIS B 122 6.16 17.32 -15.82
N LEU B 123 6.02 16.56 -14.74
CA LEU B 123 4.82 16.67 -13.93
C LEU B 123 5.08 17.33 -12.57
N GLU B 124 6.22 17.00 -11.97
CA GLU B 124 6.58 17.56 -10.67
C GLU B 124 6.61 19.10 -10.63
N PRO B 125 7.13 19.77 -11.67
CA PRO B 125 7.05 21.24 -11.63
C PRO B 125 5.63 21.78 -11.49
N TRP B 126 4.69 21.22 -12.23
CA TRP B 126 3.29 21.65 -12.16
C TRP B 126 2.70 21.33 -10.78
N ILE B 127 3.04 20.17 -10.25
CA ILE B 127 2.53 19.74 -8.95
C ILE B 127 2.97 20.70 -7.85
N GLN B 128 4.24 21.08 -7.86
CA GLN B 128 4.79 21.96 -6.84
C GLN B 128 4.21 23.38 -6.91
N GLU B 129 3.82 23.80 -8.11
CA GLU B 129 3.24 25.13 -8.29
C GLU B 129 1.74 25.14 -7.99
N ASN B 130 1.16 23.95 -7.88
CA ASN B 130 -0.28 23.83 -7.66
C ASN B 130 -0.63 23.20 -6.32
N GLY B 131 0.24 23.38 -5.33
CA GLY B 131 -0.05 22.94 -3.98
C GLY B 131 0.63 21.67 -3.53
N GLY B 132 1.41 21.06 -4.42
CA GLY B 132 2.11 19.83 -4.09
C GLY B 132 1.17 18.64 -3.95
N TRP B 133 1.72 17.50 -3.54
CA TRP B 133 0.91 16.30 -3.32
C TRP B 133 -0.12 16.52 -2.21
N ASP B 134 0.16 17.48 -1.33
CA ASP B 134 -0.72 17.81 -0.21
C ASP B 134 -2.10 18.21 -0.70
N THR B 135 -2.15 18.98 -1.78
CA THR B 135 -3.42 19.41 -2.35
C THR B 135 -4.15 18.23 -3.00
N PHE B 136 -3.39 17.33 -3.61
CA PHE B 136 -3.96 16.13 -4.21
C PHE B 136 -4.63 15.26 -3.16
N VAL B 137 -3.99 15.12 -2.00
CA VAL B 137 -4.55 14.34 -0.90
C VAL B 137 -5.84 14.95 -0.37
N GLU B 138 -5.84 16.28 -0.23
CA GLU B 138 -7.02 16.98 0.28
C GLU B 138 -8.19 16.87 -0.68
N LEU B 139 -7.90 16.84 -1.98
CA LEU B 139 -8.94 16.79 -2.99
C LEU B 139 -9.42 15.37 -3.30
N TYR B 140 -8.48 14.43 -3.36
CA TYR B 140 -8.82 13.08 -3.81
C TYR B 140 -8.72 12.01 -2.72
N GLY B 141 -8.29 12.42 -1.53
CA GLY B 141 -8.20 11.49 -0.41
C GLY B 141 -9.56 10.97 0.00
N ASN B 142 -9.57 9.87 0.74
CA ASN B 142 -10.80 9.23 1.20
C ASN B 142 -11.76 8.89 0.06
N ASN B 143 -11.21 8.45 -1.06
CA ASN B 143 -12.01 8.00 -2.21
C ASN B 143 -13.01 9.05 -2.66
N ALA B 144 -12.55 10.30 -2.75
CA ALA B 144 -13.43 11.43 -3.02
C ALA B 144 -14.08 11.40 -4.41
N ALA B 145 -13.29 11.08 -5.43
CA ALA B 145 -13.80 11.03 -6.80
C ALA B 145 -14.90 9.99 -6.94
N ALA B 146 -14.74 8.87 -6.26
CA ALA B 146 -15.75 7.80 -6.29
C ALA B 146 -17.01 8.21 -5.55
N GLU B 147 -16.83 8.92 -4.44
CA GLU B 147 -17.98 9.39 -3.65
C GLU B 147 -18.77 10.45 -4.38
N SER B 148 -18.09 11.23 -5.23
CA SER B 148 -18.76 12.24 -6.03
C SER B 148 -19.68 11.58 -7.05
N ARG B 149 -19.18 10.52 -7.69
CA ARG B 149 -19.95 9.77 -8.68
C ARG B 149 -21.14 9.05 -8.05
N LYS B 150 -20.88 8.32 -6.97
CA LYS B 150 -21.91 7.52 -6.31
C LYS B 150 -23.03 8.38 -5.71
N GLY B 151 -22.77 9.67 -5.58
CA GLY B 151 -23.79 10.59 -5.09
C GLY B 151 -24.89 10.80 -6.11
N GLN B 152 -24.59 10.46 -7.36
CA GLN B 152 -25.55 10.64 -8.45
C GLN B 152 -25.94 9.31 -9.05
N SER C 5 -16.76 -7.06 28.08
CA SER C 5 -16.14 -8.27 27.56
C SER C 5 -15.08 -7.95 26.50
N ASP C 6 -14.14 -7.10 26.88
CA ASP C 6 -13.10 -6.56 25.99
C ASP C 6 -12.50 -7.54 24.99
N ILE C 7 -11.75 -8.52 25.50
CA ILE C 7 -11.08 -9.50 24.65
C ILE C 7 -12.08 -10.49 24.06
N TYR C 8 -13.17 -10.75 24.79
CA TYR C 8 -14.24 -11.61 24.32
C TYR C 8 -14.86 -11.05 23.05
N LYS C 9 -15.04 -9.73 23.02
CA LYS C 9 -15.58 -9.04 21.86
C LYS C 9 -14.67 -9.17 20.65
N ILE C 10 -13.36 -9.03 20.88
CA ILE C 10 -12.38 -9.15 19.81
C ILE C 10 -12.35 -10.58 19.27
N ARG C 11 -12.34 -11.54 20.19
CA ARG C 11 -12.34 -12.95 19.81
C ARG C 11 -13.61 -13.34 19.06
N GLU C 12 -14.75 -12.76 19.46
CA GLU C 12 -16.02 -13.08 18.83
C GLU C 12 -16.05 -12.61 17.38
N ILE C 13 -15.65 -11.37 17.16
CA ILE C 13 -15.61 -10.82 15.81
C ILE C 13 -14.57 -11.57 14.97
N ALA C 14 -13.44 -11.88 15.58
CA ALA C 14 -12.35 -12.58 14.90
C ALA C 14 -12.79 -13.96 14.39
N ASP C 15 -13.40 -14.74 15.29
CA ASP C 15 -13.83 -16.07 14.92
C ASP C 15 -14.97 -16.03 13.90
N GLY C 16 -15.76 -14.96 13.93
CA GLY C 16 -16.83 -14.78 12.97
C GLY C 16 -16.29 -14.36 11.62
N LEU C 17 -15.07 -13.85 11.61
CA LEU C 17 -14.42 -13.38 10.40
C LEU C 17 -13.77 -14.54 9.64
N CYS C 18 -13.73 -15.71 10.26
CA CYS C 18 -13.09 -16.88 9.66
C CYS C 18 -13.81 -17.40 8.43
N LEU C 19 -13.05 -17.60 7.35
CA LEU C 19 -13.58 -18.11 6.09
C LEU C 19 -13.08 -19.52 5.83
N PHE D 4 -4.67 4.63 -31.48
CA PHE D 4 -4.10 5.52 -30.47
C PHE D 4 -4.88 6.82 -30.32
N SER D 5 -6.03 6.91 -30.99
CA SER D 5 -6.88 8.07 -30.81
C SER D 5 -7.64 7.89 -29.50
N ASP D 6 -7.44 6.75 -28.86
CA ASP D 6 -8.05 6.49 -27.56
C ASP D 6 -7.50 7.43 -26.49
N ILE D 7 -6.42 8.13 -26.83
CA ILE D 7 -5.83 9.09 -25.91
C ILE D 7 -6.78 10.25 -25.65
N TYR D 8 -7.54 10.67 -26.66
CA TYR D 8 -8.51 11.74 -26.42
C TYR D 8 -9.66 11.19 -25.59
N LYS D 9 -9.85 9.87 -25.63
CA LYS D 9 -10.84 9.22 -24.79
C LYS D 9 -10.34 9.17 -23.35
N ILE D 10 -9.05 8.89 -23.19
CA ILE D 10 -8.42 8.87 -21.87
C ILE D 10 -8.47 10.25 -21.26
N ARG D 11 -8.17 11.26 -22.08
CA ARG D 11 -8.14 12.65 -21.64
C ARG D 11 -9.52 13.13 -21.20
N GLU D 12 -10.57 12.72 -21.91
CA GLU D 12 -11.93 13.12 -21.58
C GLU D 12 -12.38 12.57 -20.22
N ILE D 13 -12.08 11.30 -19.97
CA ILE D 13 -12.42 10.67 -18.70
C ILE D 13 -11.59 11.29 -17.58
N ALA D 14 -10.34 11.60 -17.89
CA ALA D 14 -9.42 12.22 -16.93
C ALA D 14 -9.91 13.60 -16.50
N ASP D 15 -10.37 14.39 -17.46
CA ASP D 15 -10.84 15.74 -17.16
C ASP D 15 -12.14 15.71 -16.36
N GLY D 16 -13.00 14.73 -16.65
CA GLY D 16 -14.24 14.58 -15.91
C GLY D 16 -14.00 14.10 -14.49
N LEU D 17 -12.80 13.58 -14.25
CA LEU D 17 -12.42 13.09 -12.92
C LEU D 17 -12.03 14.23 -12.00
N CYS D 18 -11.71 15.38 -12.59
CA CYS D 18 -11.21 16.54 -11.85
C CYS D 18 -12.19 17.08 -10.81
N LEU D 19 -11.65 17.46 -9.67
CA LEU D 19 -12.44 18.03 -8.58
C LEU D 19 -12.02 19.47 -8.30
N ASP E 1 -4.75 15.41 10.56
CA ASP E 1 -4.22 16.11 11.72
C ASP E 1 -2.76 15.77 11.96
N GLU E 2 -1.99 16.77 12.36
CA GLU E 2 -0.55 16.62 12.57
C GLU E 2 -0.23 15.64 13.70
N MET E 3 0.62 14.67 13.39
CA MET E 3 1.05 13.68 14.37
C MET E 3 2.08 14.26 15.31
N PHE E 4 2.94 15.13 14.77
CA PHE E 4 3.95 15.83 15.56
C PHE E 4 3.79 17.33 15.36
N SER E 5 4.27 18.12 16.32
CA SER E 5 4.22 19.57 16.19
C SER E 5 5.61 20.12 15.85
N ASP E 6 5.72 21.44 15.79
CA ASP E 6 6.99 22.10 15.48
C ASP E 6 8.01 21.82 16.57
N ILE E 7 7.51 21.47 17.76
CA ILE E 7 8.34 21.13 18.90
C ILE E 7 9.32 20.01 18.59
N TYR E 8 8.80 18.93 18.01
CA TYR E 8 9.60 17.76 17.72
C TYR E 8 10.67 18.01 16.67
N LYS E 9 11.84 17.42 16.89
CA LYS E 9 12.95 17.52 15.94
C LYS E 9 13.04 16.23 15.14
N ILE E 10 13.85 16.23 14.08
CA ILE E 10 13.88 15.13 13.13
C ILE E 10 14.33 13.80 13.75
N ARG E 11 15.20 13.86 14.76
CA ARG E 11 15.69 12.64 15.40
C ARG E 11 14.66 12.10 16.38
N GLU E 12 13.90 12.99 16.98
CA GLU E 12 12.82 12.58 17.88
C GLU E 12 11.70 11.91 17.08
N ILE E 13 11.44 12.44 15.90
CA ILE E 13 10.42 11.88 15.01
C ILE E 13 10.89 10.52 14.47
N ALA E 14 12.17 10.45 14.13
CA ALA E 14 12.77 9.21 13.65
C ALA E 14 12.70 8.10 14.71
N ASP E 15 12.91 8.49 15.96
CA ASP E 15 12.85 7.53 17.07
C ASP E 15 11.44 6.97 17.24
N GLY E 16 10.44 7.80 17.01
CA GLY E 16 9.05 7.41 17.18
C GLY E 16 8.45 6.70 15.99
N LEU E 17 8.92 7.04 14.80
CA LEU E 17 8.35 6.47 13.58
C LEU E 17 9.11 5.27 13.03
N CYS E 18 10.36 5.11 13.47
CA CYS E 18 11.21 4.07 12.90
C CYS E 18 11.61 3.00 13.92
N LEU E 19 11.75 1.78 13.43
CA LEU E 19 12.11 0.64 14.27
C LEU E 19 13.62 0.52 14.46
N GLU E 20 14.03 0.07 15.63
CA GLU E 20 15.44 -0.20 15.89
C GLU E 20 15.78 -1.61 15.45
N VAL E 21 16.61 -1.73 14.43
CA VAL E 21 16.96 -3.04 13.88
C VAL E 21 18.48 -3.22 13.82
N ASP F 1 -2.45 -15.43 -11.22
CA ASP F 1 -1.60 -16.13 -12.18
C ASP F 1 -0.14 -15.79 -11.94
N GLU F 2 0.73 -16.77 -12.20
CA GLU F 2 2.16 -16.58 -12.04
C GLU F 2 2.69 -15.55 -13.05
N MET F 3 3.40 -14.56 -12.54
CA MET F 3 3.97 -13.52 -13.39
C MET F 3 5.14 -14.04 -14.22
N PHE F 4 5.86 -15.00 -13.65
CA PHE F 4 7.01 -15.59 -14.32
C PHE F 4 6.87 -17.12 -14.42
N SER F 5 7.31 -17.67 -15.55
CA SER F 5 7.31 -19.13 -15.72
C SER F 5 8.46 -19.74 -14.92
N ASP F 6 8.43 -21.07 -14.78
CA ASP F 6 9.42 -21.78 -13.98
C ASP F 6 10.84 -21.69 -14.55
N ILE F 7 10.94 -21.25 -15.80
CA ILE F 7 12.23 -21.16 -16.48
C ILE F 7 13.03 -19.94 -16.02
N TYR F 8 12.33 -18.88 -15.65
CA TYR F 8 12.97 -17.63 -15.19
C TYR F 8 13.89 -17.82 -13.99
N LYS F 9 15.10 -17.28 -14.10
CA LYS F 9 16.03 -17.26 -12.98
C LYS F 9 15.83 -15.97 -12.18
N ILE F 10 16.27 -15.97 -10.93
CA ILE F 10 16.03 -14.83 -10.05
C ILE F 10 16.77 -13.58 -10.54
N ARG F 11 17.82 -13.77 -11.32
CA ARG F 11 18.57 -12.66 -11.90
CA ARG F 11 18.58 -12.67 -11.90
C ARG F 11 17.70 -11.85 -12.86
N GLU F 12 17.07 -12.53 -13.80
CA GLU F 12 16.23 -11.85 -14.78
C GLU F 12 14.93 -11.33 -14.17
N ILE F 13 14.48 -11.98 -13.09
CA ILE F 13 13.30 -11.52 -12.37
C ILE F 13 13.60 -10.17 -11.72
N ALA F 14 14.82 -10.05 -11.18
CA ALA F 14 15.26 -8.79 -10.60
C ALA F 14 15.34 -7.70 -11.66
N ASP F 15 15.80 -8.07 -12.84
CA ASP F 15 15.91 -7.12 -13.94
C ASP F 15 14.54 -6.57 -14.36
N GLY F 16 13.54 -7.44 -14.32
CA GLY F 16 12.20 -7.06 -14.75
C GLY F 16 11.36 -6.36 -13.70
N LEU F 17 11.69 -6.58 -12.43
CA LEU F 17 10.89 -6.02 -11.33
C LEU F 17 11.54 -4.82 -10.65
N CYS F 18 12.84 -4.63 -10.87
CA CYS F 18 13.57 -3.58 -10.16
C CYS F 18 14.10 -2.48 -11.08
N LEU F 19 14.06 -1.26 -10.59
CA LEU F 19 14.44 -0.09 -11.38
C LEU F 19 15.95 -0.02 -11.60
N GLU F 20 16.35 0.62 -12.71
CA GLU F 20 17.74 0.71 -13.14
C GLU F 20 18.32 -0.67 -13.41
N ASP G 1 11.96 19.78 -6.77
CA ASP G 1 12.83 18.98 -5.92
C ASP G 1 12.01 18.01 -5.07
N GLU G 2 12.70 17.31 -4.17
CA GLU G 2 12.06 16.30 -3.33
C GLU G 2 11.01 16.89 -2.40
N MET G 3 9.77 16.42 -2.54
CA MET G 3 8.66 16.90 -1.72
C MET G 3 8.45 16.06 -0.47
N PHE G 4 9.16 14.93 -0.38
CA PHE G 4 9.09 14.08 0.80
C PHE G 4 10.45 13.97 1.48
N SER G 5 11.21 15.06 1.47
CA SER G 5 12.58 15.05 1.99
C SER G 5 12.65 14.61 3.46
N ASP G 6 11.59 14.88 4.21
CA ASP G 6 11.55 14.54 5.63
C ASP G 6 11.58 13.03 5.89
N ILE G 7 10.79 12.27 5.14
CA ILE G 7 10.72 10.83 5.35
C ILE G 7 12.03 10.16 4.95
N TYR G 8 12.75 10.74 3.99
CA TYR G 8 14.01 10.16 3.57
C TYR G 8 15.11 10.51 4.56
N LYS G 9 14.89 11.58 5.33
CA LYS G 9 15.84 11.96 6.37
C LYS G 9 15.78 11.02 7.56
N ILE G 10 14.57 10.72 8.03
CA ILE G 10 14.42 9.81 9.17
C ILE G 10 14.80 8.38 8.80
N ARG G 11 14.66 8.03 7.52
CA ARG G 11 15.02 6.70 7.05
C ARG G 11 16.53 6.48 7.12
N GLU G 12 17.30 7.50 6.77
CA GLU G 12 18.76 7.39 6.84
C GLU G 12 19.23 7.48 8.29
N ILE G 13 18.55 8.31 9.07
CA ILE G 13 18.85 8.44 10.50
C ILE G 13 18.70 7.10 11.19
N ALA G 14 17.62 6.41 10.85
CA ALA G 14 17.31 5.12 11.46
C ALA G 14 18.03 3.97 10.76
N ASP G 15 18.07 2.82 11.43
CA ASP G 15 18.67 1.62 10.88
C ASP G 15 17.59 0.63 10.48
N GLY G 16 16.36 0.91 10.88
CA GLY G 16 15.24 0.05 10.57
C GLY G 16 14.15 0.77 9.79
N LEU G 17 13.05 0.05 9.52
CA LEU G 17 11.94 0.59 8.75
C LEU G 17 11.25 1.75 9.45
N CYS G 18 10.75 2.69 8.66
CA CYS G 18 10.01 3.84 9.18
C CYS G 18 8.57 3.80 8.69
N LEU G 19 7.64 4.23 9.53
CA LEU G 19 6.25 4.35 9.10
C LEU G 19 6.14 5.52 8.13
N GLU G 20 5.19 5.42 7.20
CA GLU G 20 5.06 6.42 6.14
C GLU G 20 3.93 7.41 6.39
N VAL G 21 3.50 7.51 7.65
CA VAL G 21 2.45 8.45 8.05
C VAL G 21 2.86 9.89 7.76
N ASP H 1 10.65 -19.48 9.27
CA ASP H 1 11.64 -18.87 8.40
C ASP H 1 10.99 -17.86 7.47
N GLU H 2 11.80 -16.98 6.89
CA GLU H 2 11.34 -15.93 5.98
C GLU H 2 10.47 -16.46 4.85
N MET H 3 9.22 -15.99 4.80
CA MET H 3 8.26 -16.46 3.80
C MET H 3 8.29 -15.62 2.52
N PHE H 4 8.97 -14.49 2.58
CA PHE H 4 9.14 -13.64 1.41
C PHE H 4 10.62 -13.47 1.09
N SER H 5 11.37 -14.56 1.18
CA SER H 5 12.82 -14.52 0.97
C SER H 5 13.20 -14.06 -0.43
N ASP H 6 12.37 -14.39 -1.41
CA ASP H 6 12.66 -14.07 -2.81
C ASP H 6 12.68 -12.56 -3.09
N ILE H 7 11.75 -11.81 -2.49
CA ILE H 7 11.67 -10.39 -2.76
C ILE H 7 12.84 -9.65 -2.12
N TYR H 8 13.38 -10.20 -1.04
CA TYR H 8 14.53 -9.58 -0.39
C TYR H 8 15.79 -9.90 -1.19
N LYS H 9 15.80 -11.06 -1.86
CA LYS H 9 16.91 -11.43 -2.70
C LYS H 9 17.09 -10.44 -3.86
N ILE H 10 16.00 -10.12 -4.55
CA ILE H 10 16.09 -9.22 -5.71
C ILE H 10 16.32 -7.77 -5.31
N ARG H 11 16.00 -7.42 -4.07
CA ARG H 11 16.22 -6.06 -3.59
C ARG H 11 17.72 -5.77 -3.42
N GLU H 12 18.46 -6.73 -2.88
CA GLU H 12 19.91 -6.55 -2.74
C GLU H 12 20.61 -6.62 -4.10
N ILE H 13 20.10 -7.46 -4.98
CA ILE H 13 20.62 -7.58 -6.33
C ILE H 13 20.58 -6.24 -7.05
N ALA H 14 19.44 -5.58 -6.96
CA ALA H 14 19.23 -4.30 -7.62
C ALA H 14 19.86 -3.14 -6.87
N ASP H 15 20.04 -2.04 -7.58
CA ASP H 15 20.53 -0.80 -6.97
C ASP H 15 19.37 -0.08 -6.30
N GLY H 16 18.20 -0.13 -6.92
CA GLY H 16 17.04 0.61 -6.44
C GLY H 16 15.83 -0.22 -6.09
N LEU H 17 14.67 0.41 -6.24
CA LEU H 17 13.39 -0.15 -5.82
C LEU H 17 12.91 -1.30 -6.71
N CYS H 18 12.21 -2.24 -6.10
CA CYS H 18 11.63 -3.37 -6.81
C CYS H 18 10.12 -3.41 -6.57
N LEU H 19 9.37 -3.81 -7.60
CA LEU H 19 7.94 -4.01 -7.45
C LEU H 19 7.71 -5.18 -6.48
N GLU H 20 6.61 -5.12 -5.73
CA GLU H 20 6.35 -6.11 -4.69
C GLU H 20 5.33 -7.17 -5.11
N VAL H 21 5.06 -7.27 -6.41
CA VAL H 21 4.09 -8.22 -6.92
C VAL H 21 4.54 -9.66 -6.64
#